data_5XOR
#
_entry.id   5XOR
#
_cell.length_a   84.932
_cell.length_b   71.213
_cell.length_c   131.718
_cell.angle_alpha   90.00
_cell.angle_beta   104.34
_cell.angle_gamma   90.00
#
_symmetry.space_group_name_H-M   'C 1 2 1'
#
loop_
_entity.id
_entity.type
_entity.pdbx_description
1 polymer 'Rep protein'
2 water water
#
_entity_poly.entity_id   1
_entity_poly.type   'polypeptide(L)'
_entity_poly.pdbx_seq_one_letter_code
;MPSKKNGRSGPQPHKRWVFTLNNPSEDERKKIRDLPISLFDYFIVGEEGNEEGRTPHLQGFANFVKKQTFNKVKWYLGAR
CHIEKAKGTDQQNKEYCSKEGNLLIECGAPRSQGQRSDLSTAVSTLLESGSLVTVAEQHPVTFVRNFRGLLEHHHHHH
;
_entity_poly.pdbx_strand_id   A,B,C,D,E
#
# COMPACT_ATOMS: atom_id res chain seq x y z
N GLN A 12 -24.21 -13.33 15.32
CA GLN A 12 -23.26 -12.88 16.34
C GLN A 12 -22.74 -11.48 15.98
N PRO A 13 -23.02 -10.51 16.84
CA PRO A 13 -22.48 -9.16 16.65
C PRO A 13 -21.06 -9.06 17.18
N HIS A 14 -20.27 -8.27 16.48
CA HIS A 14 -18.92 -7.95 16.90
C HIS A 14 -18.80 -6.44 16.95
N LYS A 15 -17.69 -6.01 17.52
CA LYS A 15 -17.43 -4.59 17.70
C LYS A 15 -16.64 -3.99 16.56
N ARG A 16 -15.79 -4.77 15.91
CA ARG A 16 -14.83 -4.25 14.94
C ARG A 16 -15.08 -4.84 13.58
N TRP A 17 -15.28 -3.97 12.58
CA TRP A 17 -15.57 -4.32 11.21
C TRP A 17 -14.58 -3.65 10.27
N VAL A 18 -14.17 -4.35 9.23
CA VAL A 18 -13.49 -3.70 8.11
C VAL A 18 -14.48 -3.70 6.97
N PHE A 19 -14.20 -2.90 5.95
CA PHE A 19 -15.16 -2.74 4.87
C PHE A 19 -14.47 -2.07 3.68
N THR A 20 -14.97 -2.32 2.48
CA THR A 20 -14.48 -1.63 1.29
C THR A 20 -15.67 -1.16 0.46
N LEU A 21 -15.43 -0.13 -0.35
CA LEU A 21 -16.42 0.42 -1.28
C LEU A 21 -15.72 0.80 -2.58
N ASN A 22 -15.93 0.02 -3.65
CA ASN A 22 -15.33 0.36 -4.95
C ASN A 22 -16.17 1.43 -5.62
N ASN A 23 -15.52 2.43 -6.20
CA ASN A 23 -16.15 3.44 -7.06
C ASN A 23 -17.30 4.18 -6.37
N PRO A 24 -17.07 4.79 -5.21
CA PRO A 24 -18.19 5.26 -4.38
C PRO A 24 -18.82 6.52 -4.94
N SER A 25 -20.15 6.54 -4.97
CA SER A 25 -20.94 7.72 -5.26
C SER A 25 -20.69 8.80 -4.20
N GLU A 26 -21.04 10.03 -4.55
CA GLU A 26 -20.93 11.11 -3.56
C GLU A 26 -22.01 11.00 -2.49
N ASP A 27 -23.22 10.56 -2.87
CA ASP A 27 -24.23 10.29 -1.85
C ASP A 27 -23.79 9.16 -0.93
N GLU A 28 -22.96 8.25 -1.42
CA GLU A 28 -22.44 7.21 -0.54
C GLU A 28 -21.33 7.76 0.37
N ARG A 29 -20.55 8.73 -0.13
CA ARG A 29 -19.52 9.37 0.67
C ARG A 29 -20.14 10.19 1.81
N LYS A 30 -21.22 10.92 1.53
CA LYS A 30 -21.87 11.74 2.54
C LYS A 30 -22.59 10.90 3.58
N LYS A 31 -23.15 9.75 3.18
CA LYS A 31 -23.75 8.84 4.15
C LYS A 31 -22.72 8.42 5.21
N ILE A 32 -21.47 8.22 4.80
CA ILE A 32 -20.47 7.74 5.77
C ILE A 32 -19.98 8.89 6.64
N ARG A 33 -19.76 10.08 6.03
CA ARG A 33 -19.28 11.24 6.78
C ARG A 33 -20.37 11.79 7.69
N ASP A 34 -21.64 11.57 7.36
CA ASP A 34 -22.75 12.03 8.18
C ASP A 34 -23.00 11.12 9.37
N LEU A 35 -22.08 10.22 9.66
CA LEU A 35 -22.35 9.41 10.84
C LEU A 35 -21.97 10.19 12.09
N PRO A 36 -22.64 9.93 13.21
CA PRO A 36 -22.29 10.60 14.45
C PRO A 36 -20.97 10.08 15.01
N ILE A 37 -20.18 11.01 15.57
CA ILE A 37 -18.91 10.71 16.22
C ILE A 37 -19.06 9.73 17.38
N SER A 38 -20.25 9.60 17.96
CA SER A 38 -20.43 8.76 19.14
C SER A 38 -20.62 7.29 18.79
N LEU A 39 -20.81 6.96 17.52
CA LEU A 39 -21.00 5.57 17.15
C LEU A 39 -19.74 4.73 17.38
N PHE A 40 -18.58 5.37 17.51
CA PHE A 40 -17.29 4.71 17.35
C PHE A 40 -16.35 5.02 18.51
N ASP A 41 -15.72 3.97 19.05
CA ASP A 41 -14.42 4.16 19.69
C ASP A 41 -13.38 4.65 18.68
N TYR A 42 -13.35 4.06 17.48
CA TYR A 42 -12.37 4.42 16.46
C TYR A 42 -12.93 4.16 15.07
N PHE A 43 -12.66 5.10 14.16
CA PHE A 43 -13.19 5.02 12.82
C PHE A 43 -12.16 5.61 11.87
N ILE A 44 -11.80 4.89 10.83
CA ILE A 44 -10.91 5.42 9.80
C ILE A 44 -11.31 4.84 8.46
N VAL A 45 -11.45 5.72 7.46
CA VAL A 45 -11.68 5.28 6.09
C VAL A 45 -10.82 6.13 5.16
N GLY A 46 -9.89 5.49 4.47
CA GLY A 46 -9.06 6.16 3.48
C GLY A 46 -9.61 5.97 2.08
N GLU A 47 -9.29 6.92 1.22
CA GLU A 47 -9.51 6.76 -0.20
C GLU A 47 -8.27 6.14 -0.85
N GLU A 48 -8.48 5.20 -1.77
CA GLU A 48 -7.37 4.49 -2.39
C GLU A 48 -7.58 4.45 -3.91
N GLY A 49 -6.48 4.40 -4.66
CA GLY A 49 -6.55 4.48 -6.10
C GLY A 49 -6.58 5.92 -6.58
N GLY A 53 -6.28 8.28 -10.81
CA GLY A 53 -7.35 7.66 -10.05
C GLY A 53 -8.11 6.61 -10.84
N ARG A 54 -7.47 5.49 -11.17
CA ARG A 54 -8.10 4.43 -11.95
C ARG A 54 -8.86 3.52 -10.97
N THR A 55 -10.15 3.88 -10.79
CA THR A 55 -11.21 3.30 -9.96
C THR A 55 -10.96 3.43 -8.46
N PRO A 56 -11.33 4.55 -7.85
CA PRO A 56 -11.05 4.74 -6.41
C PRO A 56 -12.00 3.96 -5.52
N HIS A 57 -11.44 3.31 -4.51
CA HIS A 57 -12.26 2.64 -3.51
C HIS A 57 -11.97 3.16 -2.10
N LEU A 58 -13.00 3.12 -1.24
CA LEU A 58 -12.85 3.46 0.17
C LEU A 58 -12.35 2.24 0.93
N GLN A 59 -11.46 2.47 1.90
CA GLN A 59 -10.89 1.40 2.71
C GLN A 59 -11.10 1.78 4.17
N GLY A 60 -11.99 1.09 4.83
CA GLY A 60 -12.53 1.57 6.09
C GLY A 60 -12.47 0.52 7.16
N PHE A 61 -12.17 0.97 8.38
CA PHE A 61 -12.21 0.12 9.56
C PHE A 61 -12.98 0.87 10.64
N ALA A 62 -13.98 0.21 11.20
CA ALA A 62 -14.84 0.80 12.21
C ALA A 62 -14.70 -0.01 13.48
N ASN A 63 -14.48 0.67 14.60
CA ASN A 63 -14.46 0.04 15.92
C ASN A 63 -15.56 0.71 16.73
N PHE A 64 -16.74 0.09 16.72
CA PHE A 64 -17.93 0.65 17.32
C PHE A 64 -17.85 0.62 18.85
N VAL A 65 -18.66 1.47 19.51
CA VAL A 65 -18.74 1.42 20.95
C VAL A 65 -19.49 0.18 21.40
N LYS A 66 -20.70 -0.02 20.85
CA LYS A 66 -21.52 -1.20 21.05
C LYS A 66 -21.18 -2.26 20.02
N LYS A 67 -21.51 -3.50 20.35
CA LYS A 67 -21.42 -4.56 19.36
C LYS A 67 -22.48 -4.30 18.28
N GLN A 68 -22.11 -4.57 17.03
CA GLN A 68 -23.01 -4.33 15.92
C GLN A 68 -23.21 -5.61 15.11
N THR A 69 -24.35 -5.68 14.44
CA THR A 69 -24.73 -6.81 13.59
C THR A 69 -24.61 -6.38 12.14
N PHE A 70 -24.18 -7.32 11.30
CA PHE A 70 -24.08 -7.16 9.84
C PHE A 70 -25.12 -6.18 9.31
N ASN A 71 -26.39 -6.49 9.58
CA ASN A 71 -27.48 -5.61 9.14
C ASN A 71 -27.30 -4.18 9.64
N LYS A 72 -26.80 -4.02 10.88
CA LYS A 72 -26.61 -2.67 11.42
C LYS A 72 -25.37 -2.00 10.83
N VAL A 73 -24.31 -2.78 10.57
CA VAL A 73 -23.12 -2.19 9.94
C VAL A 73 -23.43 -1.77 8.51
N LYS A 74 -24.26 -2.56 7.81
CA LYS A 74 -24.66 -2.19 6.45
C LYS A 74 -25.62 -1.00 6.47
N TRP A 75 -26.51 -0.92 7.47
CA TRP A 75 -27.42 0.22 7.58
C TRP A 75 -26.64 1.52 7.72
N TYR A 76 -25.56 1.49 8.51
CA TYR A 76 -24.76 2.67 8.80
C TYR A 76 -23.88 3.07 7.61
N LEU A 77 -23.11 2.12 7.07
CA LEU A 77 -22.10 2.43 6.04
C LEU A 77 -22.68 2.50 4.64
N GLY A 78 -23.70 1.70 4.36
CA GLY A 78 -24.28 1.60 3.03
C GLY A 78 -24.49 0.15 2.60
N ALA A 79 -25.49 -0.05 1.74
CA ALA A 79 -25.81 -1.40 1.29
C ALA A 79 -24.69 -1.97 0.41
N ARG A 80 -24.10 -1.12 -0.44
CA ARG A 80 -23.14 -1.55 -1.46
C ARG A 80 -21.78 -1.88 -0.89
N CYS A 81 -21.55 -1.65 0.41
CA CYS A 81 -20.25 -1.93 1.02
C CYS A 81 -20.06 -3.43 1.18
N HIS A 82 -18.81 -3.86 1.05
CA HIS A 82 -18.43 -5.22 1.39
C HIS A 82 -17.80 -5.15 2.77
N ILE A 83 -18.47 -5.75 3.75
CA ILE A 83 -18.08 -5.67 5.15
C ILE A 83 -17.85 -7.07 5.69
N GLU A 84 -16.92 -7.18 6.64
CA GLU A 84 -16.67 -8.42 7.34
C GLU A 84 -16.03 -8.10 8.68
N LYS A 85 -16.02 -9.08 9.56
CA LYS A 85 -15.39 -8.89 10.86
C LYS A 85 -13.93 -8.52 10.65
N ALA A 86 -13.44 -7.58 11.46
CA ALA A 86 -12.07 -7.16 11.32
C ALA A 86 -11.14 -8.14 12.02
N LYS A 87 -9.87 -8.09 11.64
CA LYS A 87 -8.82 -8.89 12.25
C LYS A 87 -7.63 -7.99 12.54
N GLY A 88 -6.85 -8.36 13.55
CA GLY A 88 -5.65 -7.63 13.90
C GLY A 88 -5.90 -6.44 14.82
N THR A 89 -4.79 -5.86 15.29
CA THR A 89 -4.83 -4.72 16.20
C THR A 89 -5.58 -3.55 15.56
N ASP A 90 -6.14 -2.68 16.41
CA ASP A 90 -6.66 -1.41 15.93
C ASP A 90 -5.62 -0.68 15.11
N GLN A 91 -4.42 -0.51 15.66
CA GLN A 91 -3.40 0.25 14.94
C GLN A 91 -3.05 -0.42 13.63
N GLN A 92 -3.05 -1.76 13.61
CA GLN A 92 -2.75 -2.51 12.41
C GLN A 92 -3.69 -2.16 11.27
N ASN A 93 -5.00 -2.08 11.54
CA ASN A 93 -5.97 -1.69 10.52
C ASN A 93 -5.95 -0.20 10.22
N LYS A 94 -5.63 0.64 11.20
CA LYS A 94 -5.37 2.03 10.88
C LYS A 94 -4.31 2.13 9.81
N GLU A 95 -3.22 1.37 9.98
CA GLU A 95 -2.13 1.43 9.04
C GLU A 95 -2.55 0.92 7.68
N TYR A 96 -3.34 -0.17 7.66
CA TYR A 96 -3.85 -0.70 6.42
C TYR A 96 -4.77 0.30 5.71
N CYS A 97 -5.52 1.09 6.47
CA CYS A 97 -6.49 1.98 5.86
C CYS A 97 -5.91 3.30 5.41
N SER A 98 -4.75 3.68 5.94
CA SER A 98 -4.08 4.93 5.57
C SER A 98 -2.82 4.69 4.75
N LYS A 99 -2.78 3.59 3.97
CA LYS A 99 -1.56 3.19 3.28
C LYS A 99 -1.35 3.89 1.95
N GLU A 100 -2.39 4.48 1.34
CA GLU A 100 -2.25 5.38 0.21
C GLU A 100 -2.35 6.85 0.61
N GLY A 101 -2.37 7.13 1.92
CA GLY A 101 -2.17 8.49 2.41
C GLY A 101 -3.16 9.50 1.92
N ASN A 102 -4.45 9.14 1.85
CA ASN A 102 -5.53 10.08 1.51
C ASN A 102 -6.72 9.74 2.40
N LEU A 103 -6.71 10.23 3.62
CA LEU A 103 -7.75 9.89 4.57
C LEU A 103 -8.98 10.77 4.35
N LEU A 104 -10.15 10.15 4.50
CA LEU A 104 -11.42 10.83 4.39
C LEU A 104 -12.02 11.13 5.76
N ILE A 105 -11.87 10.17 6.67
CA ILE A 105 -12.45 10.21 7.98
C ILE A 105 -11.44 9.59 8.93
N GLU A 106 -11.17 10.28 10.04
CA GLU A 106 -10.61 9.65 11.22
C GLU A 106 -11.30 10.27 12.41
N CYS A 107 -11.45 9.46 13.47
CA CYS A 107 -12.35 9.81 14.56
C CYS A 107 -12.17 8.84 15.72
N GLY A 108 -11.78 9.35 16.88
CA GLY A 108 -11.56 8.50 18.03
C GLY A 108 -10.09 8.24 18.30
N ALA A 109 -9.76 7.06 18.83
CA ALA A 109 -8.38 6.65 19.02
C ALA A 109 -8.32 5.13 19.06
N PRO A 110 -7.23 4.51 18.60
CA PRO A 110 -7.20 3.05 18.49
C PRO A 110 -7.07 2.39 19.87
N ARG A 111 -8.09 1.63 20.25
CA ARG A 111 -8.06 0.82 21.46
C ARG A 111 -7.28 -0.46 21.19
N SER A 112 -6.73 -1.06 22.26
CA SER A 112 -5.95 -2.31 22.24
C SER A 112 -6.18 -3.24 21.03
N GLN B 12 -5.61 -3.95 -4.08
CA GLN B 12 -4.58 -4.38 -5.04
C GLN B 12 -3.23 -4.67 -4.37
N PRO B 13 -2.31 -5.32 -5.10
CA PRO B 13 -0.91 -5.30 -4.70
C PRO B 13 -0.12 -4.28 -5.49
N HIS B 14 0.91 -3.71 -4.88
CA HIS B 14 1.70 -2.66 -5.49
C HIS B 14 3.17 -3.08 -5.54
N LYS B 15 3.88 -2.50 -6.50
CA LYS B 15 5.30 -2.79 -6.70
C LYS B 15 6.20 -1.96 -5.78
N ARG B 16 5.82 -0.72 -5.47
CA ARG B 16 6.75 0.24 -4.88
C ARG B 16 6.19 0.75 -3.56
N TRP B 17 6.98 0.58 -2.49
CA TRP B 17 6.58 0.94 -1.13
C TRP B 17 7.64 1.77 -0.44
N VAL B 18 7.20 2.65 0.48
CA VAL B 18 8.10 3.34 1.41
C VAL B 18 7.79 2.88 2.83
N PHE B 19 8.76 3.02 3.73
CA PHE B 19 8.53 2.62 5.10
C PHE B 19 9.47 3.36 6.05
N THR B 20 8.99 3.57 7.28
CA THR B 20 9.84 4.00 8.39
C THR B 20 9.81 2.91 9.45
N LEU B 21 10.89 2.80 10.21
CA LEU B 21 10.90 1.98 11.42
C LEU B 21 11.43 2.83 12.57
N ASN B 22 10.51 3.30 13.40
CA ASN B 22 10.86 4.08 14.57
C ASN B 22 11.71 3.27 15.54
N ASN B 23 12.90 3.79 15.88
CA ASN B 23 13.71 3.19 16.94
C ASN B 23 13.93 1.70 16.71
N PRO B 24 14.69 1.28 15.69
CA PRO B 24 14.79 -0.15 15.37
C PRO B 24 15.79 -0.89 16.24
N SER B 25 15.44 -2.11 16.65
CA SER B 25 16.42 -3.00 17.25
C SER B 25 17.41 -3.43 16.18
N GLU B 26 18.50 -4.10 16.58
CA GLU B 26 19.39 -4.59 15.53
C GLU B 26 18.83 -5.86 14.88
N ASP B 27 18.06 -6.63 15.62
CA ASP B 27 17.33 -7.75 15.02
C ASP B 27 16.40 -7.28 13.91
N GLU B 28 15.60 -6.24 14.17
CA GLU B 28 14.80 -5.66 13.12
C GLU B 28 15.67 -5.15 11.98
N ARG B 29 16.89 -4.69 12.29
CA ARG B 29 17.84 -4.36 11.24
C ARG B 29 18.32 -5.63 10.54
N LYS B 30 18.67 -6.65 11.34
CA LYS B 30 19.19 -7.89 10.80
C LYS B 30 18.17 -8.55 9.88
N LYS B 31 16.89 -8.54 10.27
CA LYS B 31 15.84 -9.10 9.42
C LYS B 31 15.80 -8.45 8.05
N ILE B 32 15.89 -7.12 7.98
CA ILE B 32 15.76 -6.46 6.69
C ILE B 32 16.99 -6.72 5.83
N ARG B 33 18.18 -6.67 6.43
CA ARG B 33 19.40 -6.95 5.67
C ARG B 33 19.42 -8.40 5.19
N ASP B 34 18.83 -9.29 5.94
CA ASP B 34 18.79 -10.70 5.63
C ASP B 34 17.86 -11.02 4.45
N LEU B 35 17.28 -10.07 3.74
CA LEU B 35 16.39 -10.41 2.65
C LEU B 35 17.18 -10.66 1.36
N PRO B 36 16.61 -11.43 0.43
CA PRO B 36 17.35 -11.76 -0.79
C PRO B 36 17.46 -10.57 -1.73
N ILE B 37 18.57 -10.53 -2.46
CA ILE B 37 18.72 -9.55 -3.53
C ILE B 37 17.65 -9.70 -4.60
N SER B 38 17.19 -10.94 -4.85
CA SER B 38 16.27 -11.17 -5.95
C SER B 38 14.90 -10.55 -5.71
N LEU B 39 14.57 -10.25 -4.46
CA LEU B 39 13.28 -9.63 -4.18
C LEU B 39 13.10 -8.31 -4.91
N PHE B 40 14.18 -7.57 -5.13
CA PHE B 40 14.09 -6.15 -5.43
C PHE B 40 14.60 -5.83 -6.82
N ASP B 41 13.87 -4.96 -7.52
CA ASP B 41 14.44 -4.15 -8.58
C ASP B 41 15.33 -3.06 -7.99
N TYR B 42 14.80 -2.29 -7.04
CA TYR B 42 15.56 -1.29 -6.30
C TYR B 42 15.12 -1.29 -4.84
N PHE B 43 16.10 -1.25 -3.93
CA PHE B 43 15.86 -1.29 -2.49
C PHE B 43 16.87 -0.36 -1.85
N ILE B 44 16.40 0.52 -0.94
CA ILE B 44 17.28 1.46 -0.24
C ILE B 44 16.67 1.86 1.09
N VAL B 45 17.40 1.64 2.19
CA VAL B 45 16.96 2.11 3.49
C VAL B 45 18.10 2.81 4.21
N GLY B 46 17.91 4.11 4.47
CA GLY B 46 18.90 4.92 5.17
C GLY B 46 18.61 5.02 6.63
N GLU B 47 19.65 4.85 7.44
CA GLU B 47 19.59 5.12 8.87
C GLU B 47 19.51 6.64 9.13
N GLU B 48 18.42 7.09 9.79
CA GLU B 48 18.15 8.51 9.95
C GLU B 48 17.94 8.89 11.41
N GLY B 49 18.04 10.20 11.67
CA GLY B 49 17.79 10.75 13.00
C GLY B 49 18.79 10.37 14.07
N ASN B 50 20.09 10.51 13.77
CA ASN B 50 21.13 10.20 14.74
C ASN B 50 21.69 11.44 15.41
N GLU B 51 21.15 12.61 15.07
CA GLU B 51 21.42 13.78 15.87
C GLU B 51 20.92 13.56 17.27
N GLU B 52 21.59 14.28 18.13
CA GLU B 52 21.37 14.30 19.52
C GLU B 52 19.91 14.69 19.85
N GLY B 53 19.33 15.61 19.07
CA GLY B 53 17.92 15.94 19.23
C GLY B 53 16.90 14.94 18.66
N ARG B 54 17.27 13.70 18.25
CA ARG B 54 16.25 12.84 17.65
C ARG B 54 16.36 11.38 18.08
N THR B 55 15.21 10.65 17.96
CA THR B 55 15.17 9.19 18.07
C THR B 55 15.46 8.56 16.72
N PRO B 56 16.42 7.65 16.62
CA PRO B 56 16.78 7.10 15.31
C PRO B 56 15.62 6.37 14.66
N HIS B 57 15.55 6.47 13.32
CA HIS B 57 14.65 5.65 12.51
C HIS B 57 15.26 5.31 11.16
N LEU B 58 14.85 4.17 10.61
CA LEU B 58 15.20 3.79 9.25
C LEU B 58 14.17 4.37 8.27
N GLN B 59 14.67 4.95 7.18
CA GLN B 59 13.84 5.51 6.12
C GLN B 59 14.11 4.71 4.85
N GLY B 60 13.06 4.18 4.24
CA GLY B 60 13.23 3.08 3.31
C GLY B 60 12.36 3.18 2.08
N PHE B 61 12.89 2.64 0.98
CA PHE B 61 12.17 2.51 -0.28
C PHE B 61 12.44 1.14 -0.88
N ALA B 62 11.39 0.41 -1.23
CA ALA B 62 11.52 -0.89 -1.87
C ALA B 62 10.71 -0.88 -3.16
N ASN B 63 11.36 -1.08 -4.27
CA ASN B 63 10.68 -1.35 -5.53
C ASN B 63 10.86 -2.84 -5.81
N PHE B 64 9.86 -3.65 -5.45
CA PHE B 64 9.97 -5.11 -5.53
C PHE B 64 9.96 -5.58 -6.98
N VAL B 65 10.39 -6.82 -7.19
CA VAL B 65 10.41 -7.36 -8.56
C VAL B 65 8.98 -7.59 -9.05
N LYS B 66 8.18 -8.29 -8.26
CA LYS B 66 6.75 -8.45 -8.50
C LYS B 66 5.98 -7.53 -7.57
N LYS B 67 4.66 -7.45 -7.77
CA LYS B 67 3.80 -6.66 -6.90
C LYS B 67 3.50 -7.44 -5.64
N GLN B 68 3.52 -6.74 -4.49
CA GLN B 68 3.32 -7.35 -3.18
C GLN B 68 2.18 -6.68 -2.44
N THR B 69 1.44 -7.50 -1.68
CA THR B 69 0.35 -6.99 -0.88
C THR B 69 0.91 -6.43 0.42
N PHE B 70 0.15 -5.51 1.03
CA PHE B 70 0.47 -4.96 2.35
C PHE B 70 1.01 -6.03 3.28
N ASN B 71 0.39 -7.21 3.31
CA ASN B 71 0.81 -8.26 4.24
C ASN B 71 2.19 -8.81 3.90
N LYS B 72 2.49 -8.99 2.60
CA LYS B 72 3.81 -9.45 2.18
C LYS B 72 4.91 -8.46 2.60
N VAL B 73 4.75 -7.18 2.25
CA VAL B 73 5.75 -6.18 2.59
C VAL B 73 6.02 -6.20 4.09
N LYS B 74 4.96 -6.20 4.90
CA LYS B 74 5.10 -6.30 6.35
C LYS B 74 5.69 -7.64 6.78
N TRP B 75 5.39 -8.73 6.07
CA TRP B 75 6.06 -10.01 6.31
C TRP B 75 7.56 -9.85 6.15
N TYR B 76 7.99 -9.28 5.02
CA TYR B 76 9.41 -9.13 4.70
C TYR B 76 10.09 -8.13 5.62
N LEU B 77 9.53 -6.91 5.71
CA LEU B 77 10.19 -5.79 6.39
C LEU B 77 10.09 -5.87 7.90
N GLY B 78 9.04 -6.49 8.42
CA GLY B 78 8.77 -6.67 9.83
C GLY B 78 7.50 -5.94 10.26
N ALA B 79 6.84 -6.51 11.29
CA ALA B 79 5.54 -6.03 11.75
C ALA B 79 5.58 -4.56 12.13
N ARG B 80 6.66 -4.12 12.75
CA ARG B 80 6.69 -2.78 13.31
C ARG B 80 6.94 -1.68 12.29
N CYS B 81 7.27 -2.03 11.04
CA CYS B 81 7.52 -1.01 10.04
C CYS B 81 6.21 -0.31 9.65
N HIS B 82 6.28 1.00 9.55
CA HIS B 82 5.15 1.78 9.08
C HIS B 82 5.24 1.87 7.56
N ILE B 83 4.39 1.11 6.86
CA ILE B 83 4.43 0.96 5.41
C ILE B 83 3.32 1.79 4.77
N GLU B 84 3.66 2.50 3.69
CA GLU B 84 2.69 3.08 2.78
C GLU B 84 3.17 2.97 1.35
N LYS B 85 2.23 2.87 0.41
CA LYS B 85 2.54 2.82 -1.01
C LYS B 85 3.33 4.06 -1.44
N ALA B 86 4.34 3.85 -2.28
CA ALA B 86 5.30 4.91 -2.52
C ALA B 86 4.77 5.94 -3.51
N LYS B 87 5.17 7.20 -3.29
CA LYS B 87 4.91 8.29 -4.22
C LYS B 87 6.22 8.81 -4.79
N GLY B 88 6.15 9.35 -6.02
CA GLY B 88 7.32 9.88 -6.69
C GLY B 88 8.14 8.82 -7.39
N THR B 89 9.25 9.25 -7.98
CA THR B 89 10.06 8.37 -8.80
C THR B 89 11.13 7.66 -7.97
N ASP B 90 11.58 6.51 -8.48
CA ASP B 90 12.63 5.75 -7.82
C ASP B 90 13.79 6.65 -7.41
N GLN B 91 14.30 7.46 -8.36
CA GLN B 91 15.43 8.32 -8.08
C GLN B 91 15.07 9.42 -7.10
N GLN B 92 13.78 9.80 -7.03
CA GLN B 92 13.36 10.74 -5.99
C GLN B 92 13.44 10.10 -4.61
N ASN B 93 12.84 8.91 -4.46
CA ASN B 93 12.89 8.21 -3.19
C ASN B 93 14.30 7.84 -2.80
N LYS B 94 15.14 7.47 -3.76
CA LYS B 94 16.53 7.18 -3.42
C LYS B 94 17.18 8.40 -2.78
N GLU B 95 16.91 9.58 -3.31
CA GLU B 95 17.49 10.78 -2.75
C GLU B 95 16.89 11.04 -1.38
N TYR B 96 15.60 10.78 -1.23
CA TYR B 96 14.97 11.02 0.06
C TYR B 96 15.55 10.10 1.13
N CYS B 97 15.80 8.83 0.79
CA CYS B 97 16.30 7.87 1.77
C CYS B 97 17.77 8.03 2.06
N SER B 98 18.48 8.80 1.23
CA SER B 98 19.92 8.94 1.37
C SER B 98 20.33 10.33 1.86
N LYS B 99 19.37 11.26 1.97
CA LYS B 99 19.64 12.64 2.39
C LYS B 99 20.49 12.76 3.64
N GLU B 100 20.35 11.89 4.63
CA GLU B 100 21.21 12.01 5.80
C GLU B 100 22.47 11.14 5.70
N GLY B 101 22.72 10.51 4.55
CA GLY B 101 24.02 9.97 4.19
C GLY B 101 24.49 8.77 5.01
N ASN B 102 23.58 7.98 5.57
CA ASN B 102 23.96 6.77 6.29
C ASN B 102 23.15 5.57 5.77
N LEU B 103 23.35 5.21 4.50
CA LEU B 103 22.67 4.06 3.94
C LEU B 103 23.00 2.78 4.70
N LEU B 104 21.98 2.05 5.11
CA LEU B 104 22.17 0.74 5.71
C LEU B 104 22.09 -0.37 4.67
N ILE B 105 21.34 -0.14 3.61
CA ILE B 105 21.10 -1.12 2.57
C ILE B 105 20.93 -0.37 1.26
N GLU B 106 21.52 -0.91 0.19
CA GLU B 106 21.17 -0.48 -1.17
C GLU B 106 21.41 -1.64 -2.13
N CYS B 107 20.46 -1.85 -3.02
CA CYS B 107 20.41 -3.10 -3.76
C CYS B 107 19.69 -2.86 -5.09
N GLY B 108 20.29 -3.34 -6.17
CA GLY B 108 19.71 -3.14 -7.48
C GLY B 108 19.99 -1.79 -8.09
N ALA B 109 18.98 -1.18 -8.72
CA ALA B 109 19.19 0.09 -9.41
C ALA B 109 17.85 0.78 -9.61
N PRO B 110 17.80 2.11 -9.55
CA PRO B 110 16.53 2.83 -9.76
C PRO B 110 15.97 2.60 -11.14
N ARG B 111 14.67 2.26 -11.19
CA ARG B 111 14.03 1.77 -12.39
C ARG B 111 13.57 2.93 -13.29
N SER B 112 14.11 2.95 -14.52
CA SER B 112 13.82 3.92 -15.61
C SER B 112 13.21 5.25 -15.18
N PRO C 11 45.95 -21.23 4.46
CA PRO C 11 45.21 -20.23 3.67
C PRO C 11 43.92 -19.78 4.35
N GLN C 12 44.06 -18.90 5.34
CA GLN C 12 43.00 -18.45 6.24
C GLN C 12 41.78 -17.88 5.49
N PRO C 13 40.63 -17.76 6.16
CA PRO C 13 39.43 -17.23 5.50
C PRO C 13 39.68 -15.85 4.88
N HIS C 14 38.90 -15.55 3.85
CA HIS C 14 39.06 -14.33 3.07
C HIS C 14 37.72 -13.59 2.99
N LYS C 15 37.80 -12.29 2.74
CA LYS C 15 36.63 -11.44 2.56
C LYS C 15 36.35 -11.06 1.12
N ARG C 16 37.38 -10.74 0.34
CA ARG C 16 37.20 -10.11 -0.96
C ARG C 16 37.57 -11.10 -2.06
N TRP C 17 36.59 -11.42 -2.91
CA TRP C 17 36.75 -12.44 -3.93
C TRP C 17 36.25 -11.93 -5.25
N VAL C 18 36.75 -12.56 -6.31
CA VAL C 18 36.26 -12.37 -7.67
C VAL C 18 35.94 -13.75 -8.24
N PHE C 19 35.13 -13.77 -9.29
CA PHE C 19 34.67 -15.06 -9.79
C PHE C 19 34.10 -14.90 -11.18
N THR C 20 34.24 -15.98 -11.96
CA THR C 20 33.65 -16.11 -13.29
C THR C 20 32.66 -17.27 -13.27
N LEU C 21 31.65 -17.20 -14.13
CA LEU C 21 30.81 -18.35 -14.39
C LEU C 21 30.55 -18.42 -15.88
N ASN C 22 31.14 -19.44 -16.53
CA ASN C 22 31.05 -19.65 -17.97
C ASN C 22 29.68 -20.22 -18.33
N ASN C 23 28.97 -19.54 -19.24
CA ASN C 23 27.60 -19.85 -19.67
C ASN C 23 26.74 -20.31 -18.52
N PRO C 24 26.00 -19.39 -17.88
CA PRO C 24 25.26 -19.73 -16.66
C PRO C 24 23.86 -20.23 -16.95
N SER C 25 23.48 -21.25 -16.18
CA SER C 25 22.13 -21.76 -16.25
C SER C 25 21.14 -20.69 -15.80
N GLU C 26 19.87 -20.90 -16.12
CA GLU C 26 18.83 -20.11 -15.48
C GLU C 26 18.88 -20.29 -13.97
N ASP C 27 19.10 -21.53 -13.50
CA ASP C 27 19.11 -21.82 -12.07
C ASP C 27 20.38 -21.33 -11.40
N GLU C 28 21.44 -21.09 -12.18
CA GLU C 28 22.70 -20.62 -11.61
C GLU C 28 22.68 -19.12 -11.33
N ARG C 29 22.08 -18.33 -12.23
CA ARG C 29 21.81 -16.93 -11.92
C ARG C 29 20.93 -16.80 -10.67
N LYS C 30 19.92 -17.66 -10.56
CA LYS C 30 18.94 -17.52 -9.49
C LYS C 30 19.54 -17.89 -8.15
N LYS C 31 20.42 -18.90 -8.11
CA LYS C 31 21.13 -19.20 -6.87
C LYS C 31 21.92 -17.99 -6.38
N ILE C 32 22.69 -17.35 -7.27
CA ILE C 32 23.46 -16.16 -6.91
C ILE C 32 22.53 -15.04 -6.50
N ARG C 33 21.43 -14.85 -7.23
CA ARG C 33 20.55 -13.72 -6.97
C ARG C 33 19.72 -13.89 -5.71
N ASP C 34 19.57 -15.12 -5.22
CA ASP C 34 18.82 -15.40 -4.01
C ASP C 34 19.64 -15.17 -2.75
N LEU C 35 20.89 -14.76 -2.91
CA LEU C 35 21.73 -14.56 -1.75
C LEU C 35 21.22 -13.39 -0.90
N PRO C 36 21.32 -13.48 0.42
CA PRO C 36 20.90 -12.38 1.28
C PRO C 36 21.73 -11.14 1.00
N ILE C 37 21.09 -9.97 1.12
CA ILE C 37 21.81 -8.70 1.07
C ILE C 37 22.87 -8.62 2.16
N SER C 38 22.64 -9.26 3.31
CA SER C 38 23.48 -9.06 4.48
C SER C 38 24.81 -9.79 4.40
N LEU C 39 25.02 -10.60 3.37
CA LEU C 39 26.30 -11.29 3.20
C LEU C 39 27.41 -10.34 2.81
N PHE C 40 27.08 -9.18 2.27
CA PHE C 40 28.02 -8.39 1.50
C PHE C 40 28.11 -6.96 2.00
N ASP C 41 29.35 -6.46 2.14
CA ASP C 41 29.60 -5.02 2.11
C ASP C 41 29.45 -4.48 0.69
N TYR C 42 29.98 -5.20 -0.30
CA TYR C 42 29.78 -4.86 -1.70
C TYR C 42 29.76 -6.13 -2.54
N PHE C 43 28.86 -6.16 -3.52
CA PHE C 43 28.62 -7.32 -4.36
C PHE C 43 28.19 -6.77 -5.71
N ILE C 44 28.84 -7.23 -6.79
CA ILE C 44 28.43 -6.82 -8.14
C ILE C 44 28.72 -7.96 -9.12
N VAL C 45 27.75 -8.21 -10.00
CA VAL C 45 27.84 -9.24 -11.03
C VAL C 45 27.35 -8.64 -12.34
N GLY C 46 28.21 -8.65 -13.36
CA GLY C 46 27.81 -8.28 -14.70
C GLY C 46 27.63 -9.50 -15.57
N GLU C 47 26.70 -9.38 -16.52
CA GLU C 47 26.45 -10.39 -17.54
C GLU C 47 27.09 -9.91 -18.84
N GLU C 48 28.19 -10.55 -19.26
CA GLU C 48 28.96 -10.10 -20.42
C GLU C 48 29.03 -11.18 -21.51
N GLY C 49 28.34 -10.92 -22.63
CA GLY C 49 28.55 -11.72 -23.82
C GLY C 49 27.31 -12.07 -24.60
N ASN C 50 26.51 -11.08 -24.99
CA ASN C 50 25.40 -11.35 -25.91
C ASN C 50 25.73 -10.86 -27.32
N ARG C 54 26.39 -15.44 -27.63
CA ARG C 54 27.77 -15.62 -28.05
C ARG C 54 28.66 -16.10 -26.90
N THR C 55 28.25 -17.22 -26.24
CA THR C 55 28.60 -17.72 -24.90
C THR C 55 28.62 -16.61 -23.86
N PRO C 56 27.46 -16.25 -23.29
CA PRO C 56 27.42 -15.28 -22.19
C PRO C 56 28.25 -15.74 -20.99
N HIS C 57 28.42 -14.81 -20.04
CA HIS C 57 29.48 -14.96 -19.05
C HIS C 57 29.27 -14.01 -17.87
N LEU C 58 29.43 -14.55 -16.65
CA LEU C 58 29.18 -13.78 -15.43
C LEU C 58 30.50 -13.31 -14.82
N GLN C 59 30.68 -11.98 -14.79
CA GLN C 59 31.80 -11.31 -14.14
C GLN C 59 31.33 -10.74 -12.80
N GLY C 60 31.96 -11.16 -11.71
CA GLY C 60 31.48 -10.79 -10.40
C GLY C 60 32.61 -10.45 -9.46
N PHE C 61 32.23 -9.75 -8.39
CA PHE C 61 33.12 -9.41 -7.30
C PHE C 61 32.30 -9.36 -6.02
N ALA C 62 32.80 -10.01 -4.96
CA ALA C 62 32.12 -10.05 -3.68
C ALA C 62 33.08 -9.64 -2.58
N ASN C 63 32.75 -8.56 -1.87
CA ASN C 63 33.41 -8.20 -0.61
C ASN C 63 32.47 -8.57 0.54
N PHE C 64 32.59 -9.80 1.05
CA PHE C 64 31.67 -10.27 2.09
C PHE C 64 31.78 -9.39 3.34
N VAL C 65 30.89 -9.63 4.30
CA VAL C 65 30.92 -8.89 5.57
C VAL C 65 31.82 -9.60 6.58
N LYS C 66 31.69 -10.92 6.68
CA LYS C 66 32.63 -11.73 7.45
C LYS C 66 33.51 -12.52 6.48
N LYS C 67 34.72 -12.87 6.93
CA LYS C 67 35.65 -13.50 6.01
C LYS C 67 35.31 -14.97 5.82
N GLN C 68 35.46 -15.45 4.57
CA GLN C 68 34.90 -16.71 4.13
C GLN C 68 35.97 -17.70 3.65
N THR C 69 35.72 -18.98 3.88
CA THR C 69 36.52 -20.04 3.28
C THR C 69 36.17 -20.22 1.80
N PHE C 70 37.19 -20.55 1.02
CA PHE C 70 37.00 -20.97 -0.37
C PHE C 70 35.78 -21.88 -0.50
N ASN C 71 35.70 -22.85 0.41
CA ASN C 71 34.56 -23.76 0.45
C ASN C 71 33.24 -22.99 0.53
N LYS C 72 33.10 -22.08 1.52
CA LYS C 72 31.85 -21.36 1.68
C LYS C 72 31.56 -20.44 0.50
N VAL C 73 32.59 -19.77 -0.03
CA VAL C 73 32.37 -18.91 -1.20
C VAL C 73 31.69 -19.69 -2.30
N LYS C 74 32.32 -20.82 -2.68
CA LYS C 74 31.71 -21.73 -3.66
C LYS C 74 30.34 -22.21 -3.21
N TRP C 75 30.14 -22.41 -1.91
CA TRP C 75 28.81 -22.80 -1.42
C TRP C 75 27.76 -21.72 -1.66
N TYR C 76 28.14 -20.44 -1.64
CA TYR C 76 27.14 -19.40 -1.91
C TYR C 76 27.00 -19.18 -3.40
N LEU C 77 28.12 -19.03 -4.11
CA LEU C 77 28.07 -18.54 -5.48
C LEU C 77 27.69 -19.61 -6.49
N GLY C 78 27.94 -20.88 -6.20
CA GLY C 78 27.69 -21.89 -7.19
C GLY C 78 28.94 -22.69 -7.50
N ALA C 79 28.84 -24.02 -7.34
CA ALA C 79 30.01 -24.91 -7.38
C ALA C 79 30.86 -24.73 -8.63
N ARG C 80 30.24 -24.43 -9.76
CA ARG C 80 30.93 -24.35 -11.04
C ARG C 80 31.71 -23.05 -11.24
N CYS C 81 31.69 -22.13 -10.26
CA CYS C 81 32.37 -20.84 -10.36
C CYS C 81 33.87 -21.01 -10.11
N HIS C 82 34.66 -20.18 -10.78
CA HIS C 82 36.10 -20.08 -10.53
C HIS C 82 36.34 -18.83 -9.69
N ILE C 83 36.74 -19.03 -8.44
CA ILE C 83 36.89 -17.96 -7.48
C ILE C 83 38.36 -17.82 -7.11
N GLU C 84 38.77 -16.58 -6.82
CA GLU C 84 40.10 -16.34 -6.27
C GLU C 84 40.10 -15.04 -5.49
N LYS C 85 41.12 -14.89 -4.67
CA LYS C 85 41.25 -13.71 -3.83
C LYS C 85 41.24 -12.46 -4.69
N ALA C 86 40.61 -11.40 -4.18
CA ALA C 86 40.45 -10.19 -4.96
C ALA C 86 41.71 -9.35 -4.91
N LYS C 87 42.04 -8.74 -6.05
CA LYS C 87 43.16 -7.82 -6.17
C LYS C 87 42.63 -6.47 -6.61
N GLY C 88 43.05 -5.40 -5.93
CA GLY C 88 42.67 -4.05 -6.32
C GLY C 88 41.53 -3.49 -5.47
N THR C 89 41.18 -2.24 -5.79
CA THR C 89 40.15 -1.53 -5.06
C THR C 89 38.75 -2.08 -5.41
N ASP C 90 37.84 -1.98 -4.45
CA ASP C 90 36.43 -2.26 -4.72
C ASP C 90 35.91 -1.43 -5.90
N GLN C 91 36.34 -0.17 -6.02
CA GLN C 91 35.84 0.66 -7.10
C GLN C 91 36.29 0.16 -8.46
N GLN C 92 37.50 -0.42 -8.55
CA GLN C 92 38.01 -0.90 -9.82
C GLN C 92 37.27 -2.16 -10.25
N ASN C 93 37.14 -3.12 -9.33
CA ASN C 93 36.34 -4.30 -9.59
C ASN C 93 34.93 -3.92 -10.05
N LYS C 94 34.32 -2.91 -9.42
CA LYS C 94 33.02 -2.43 -9.89
C LYS C 94 33.08 -2.01 -11.36
N GLU C 95 34.15 -1.31 -11.73
CA GLU C 95 34.27 -0.80 -13.10
C GLU C 95 34.58 -1.94 -14.07
N TYR C 96 35.26 -2.99 -13.59
CA TYR C 96 35.47 -4.18 -14.42
C TYR C 96 34.14 -4.85 -14.75
N CYS C 97 33.41 -5.28 -13.71
CA CYS C 97 32.16 -6.03 -13.87
C CYS C 97 31.09 -5.23 -14.59
N SER C 98 31.14 -3.91 -14.59
CA SER C 98 30.15 -3.14 -15.34
C SER C 98 30.57 -2.84 -16.77
N LYS C 99 31.73 -3.31 -17.20
CA LYS C 99 32.33 -2.82 -18.45
C LYS C 99 31.41 -3.00 -19.65
N GLU C 100 30.56 -4.03 -19.66
CA GLU C 100 29.70 -4.29 -20.80
C GLU C 100 28.29 -3.70 -20.68
N GLY C 101 27.85 -3.33 -19.49
CA GLY C 101 26.67 -2.51 -19.36
C GLY C 101 25.36 -3.21 -19.07
N ASN C 102 25.38 -4.48 -18.72
CA ASN C 102 24.17 -5.17 -18.25
C ASN C 102 24.51 -5.96 -16.99
N LEU C 103 24.22 -5.36 -15.83
CA LEU C 103 24.52 -5.99 -14.55
C LEU C 103 23.36 -6.87 -14.11
N LEU C 104 23.71 -7.96 -13.44
CA LEU C 104 22.69 -8.84 -12.87
C LEU C 104 22.41 -8.47 -11.43
N ILE C 105 23.44 -8.09 -10.70
CA ILE C 105 23.36 -7.79 -9.28
C ILE C 105 24.23 -6.58 -8.99
N GLU C 106 23.74 -5.70 -8.11
CA GLU C 106 24.60 -4.75 -7.43
C GLU C 106 24.03 -4.51 -6.04
N CYS C 107 24.88 -4.63 -5.04
CA CYS C 107 24.42 -4.71 -3.68
C CYS C 107 25.44 -4.12 -2.73
N GLY C 108 25.01 -3.17 -1.89
CA GLY C 108 25.93 -2.57 -0.95
C GLY C 108 26.62 -1.37 -1.53
N ALA C 109 27.90 -1.17 -1.18
CA ALA C 109 28.64 0.03 -1.56
C ALA C 109 30.13 -0.24 -1.55
N PRO C 110 30.89 0.24 -2.53
CA PRO C 110 32.34 -0.01 -2.57
C PRO C 110 33.03 0.55 -1.32
N ARG C 111 33.71 -0.34 -0.60
CA ARG C 111 34.41 0.06 0.61
C ARG C 111 35.87 0.42 0.30
N SER C 112 36.43 1.29 1.15
CA SER C 112 37.78 1.85 0.99
C SER C 112 37.98 2.54 -0.37
N GLN D 12 -14.96 -32.07 -24.27
CA GLN D 12 -14.58 -30.99 -23.36
C GLN D 12 -14.64 -29.59 -24.00
N PRO D 13 -13.88 -29.34 -25.06
CA PRO D 13 -13.67 -27.95 -25.50
C PRO D 13 -14.89 -27.38 -26.20
N HIS D 14 -14.98 -26.05 -26.18
CA HIS D 14 -16.09 -25.31 -26.76
C HIS D 14 -15.55 -24.09 -27.49
N LYS D 15 -16.35 -23.58 -28.42
CA LYS D 15 -15.92 -22.54 -29.35
C LYS D 15 -16.37 -21.15 -28.94
N ARG D 16 -17.42 -21.03 -28.15
CA ARG D 16 -17.94 -19.71 -27.79
C ARG D 16 -18.13 -19.62 -26.28
N TRP D 17 -17.53 -18.60 -25.67
CA TRP D 17 -17.63 -18.38 -24.23
C TRP D 17 -18.04 -16.93 -23.96
N VAL D 18 -18.75 -16.73 -22.86
CA VAL D 18 -18.93 -15.40 -22.29
C VAL D 18 -18.13 -15.32 -20.99
N PHE D 19 -17.80 -14.10 -20.59
CA PHE D 19 -17.06 -13.97 -19.35
C PHE D 19 -17.33 -12.61 -18.71
N THR D 20 -16.99 -12.51 -17.43
CA THR D 20 -16.98 -11.24 -16.71
C THR D 20 -15.71 -11.14 -15.89
N LEU D 21 -15.26 -9.90 -15.69
CA LEU D 21 -14.25 -9.56 -14.71
C LEU D 21 -14.85 -8.46 -13.85
N ASN D 22 -15.06 -8.75 -12.57
CA ASN D 22 -15.55 -7.73 -11.65
C ASN D 22 -14.40 -6.85 -11.18
N ASN D 23 -14.50 -5.53 -11.42
CA ASN D 23 -13.54 -4.59 -10.86
C ASN D 23 -12.12 -4.83 -11.37
N PRO D 24 -11.86 -4.72 -12.67
CA PRO D 24 -10.56 -5.13 -13.21
C PRO D 24 -9.46 -4.12 -12.91
N SER D 25 -8.25 -4.64 -12.79
CA SER D 25 -7.08 -3.78 -12.79
C SER D 25 -6.63 -3.49 -14.22
N GLU D 26 -5.88 -2.41 -14.37
CA GLU D 26 -5.25 -2.13 -15.66
C GLU D 26 -4.49 -3.34 -16.16
N ASP D 27 -3.79 -4.04 -15.27
CA ASP D 27 -2.98 -5.18 -15.69
C ASP D 27 -3.83 -6.26 -16.34
N GLU D 28 -5.01 -6.52 -15.77
CA GLU D 28 -5.88 -7.55 -16.31
C GLU D 28 -6.46 -7.15 -17.66
N ARG D 29 -6.65 -5.85 -17.87
CA ARG D 29 -7.15 -5.36 -19.14
C ARG D 29 -6.10 -5.46 -20.24
N LYS D 30 -4.86 -5.06 -19.94
CA LYS D 30 -3.85 -5.11 -20.98
C LYS D 30 -3.56 -6.54 -21.37
N LYS D 31 -3.82 -7.48 -20.44
CA LYS D 31 -3.65 -8.90 -20.77
C LYS D 31 -4.66 -9.34 -21.81
N ILE D 32 -5.93 -8.93 -21.67
CA ILE D 32 -6.96 -9.28 -22.64
C ILE D 32 -6.73 -8.54 -23.95
N ARG D 33 -6.34 -7.27 -23.87
CA ARG D 33 -6.05 -6.48 -25.06
C ARG D 33 -4.87 -7.04 -25.82
N ASP D 34 -3.95 -7.69 -25.12
CA ASP D 34 -2.72 -8.14 -25.77
C ASP D 34 -2.90 -9.43 -26.55
N LEU D 35 -4.08 -10.03 -26.51
CA LEU D 35 -4.33 -11.23 -27.28
C LEU D 35 -4.27 -10.91 -28.78
N PRO D 36 -3.83 -11.86 -29.59
CA PRO D 36 -3.79 -11.65 -31.04
C PRO D 36 -5.18 -11.65 -31.67
N ILE D 37 -5.30 -10.91 -32.78
CA ILE D 37 -6.52 -10.90 -33.58
C ILE D 37 -6.87 -12.29 -34.09
N SER D 38 -5.85 -13.07 -34.49
CA SER D 38 -6.05 -14.36 -35.16
C SER D 38 -6.65 -15.42 -34.26
N LEU D 39 -6.94 -15.09 -33.00
CA LEU D 39 -7.57 -16.04 -32.09
C LEU D 39 -9.08 -16.10 -32.31
N PHE D 40 -9.65 -15.08 -32.95
CA PHE D 40 -11.06 -14.77 -32.80
C PHE D 40 -11.75 -14.69 -34.14
N ASP D 41 -12.82 -15.43 -34.28
CA ASP D 41 -13.81 -15.05 -35.28
C ASP D 41 -14.50 -13.75 -34.88
N TYR D 42 -15.04 -13.70 -33.66
CA TYR D 42 -15.61 -12.46 -33.14
C TYR D 42 -15.26 -12.31 -31.66
N PHE D 43 -14.76 -11.14 -31.29
CA PHE D 43 -14.35 -10.83 -29.92
C PHE D 43 -14.96 -9.48 -29.55
N ILE D 44 -15.68 -9.45 -28.44
CA ILE D 44 -16.32 -8.23 -27.95
C ILE D 44 -16.21 -8.20 -26.44
N VAL D 45 -15.65 -7.12 -25.88
CA VAL D 45 -15.69 -6.94 -24.43
C VAL D 45 -15.97 -5.47 -24.10
N GLY D 46 -17.03 -5.25 -23.33
CA GLY D 46 -17.44 -3.91 -22.94
C GLY D 46 -17.14 -3.67 -21.47
N GLU D 47 -16.73 -2.43 -21.17
CA GLU D 47 -16.43 -1.99 -19.81
C GLU D 47 -17.65 -1.24 -19.26
N GLU D 48 -18.33 -1.84 -18.27
CA GLU D 48 -19.52 -1.28 -17.66
C GLU D 48 -19.26 -0.83 -16.20
N GLY D 49 -19.98 0.21 -15.76
CA GLY D 49 -19.81 0.67 -14.37
C GLY D 49 -19.53 2.14 -14.23
N ASN D 50 -20.60 2.95 -14.23
CA ASN D 50 -20.54 4.38 -14.50
C ASN D 50 -20.95 5.25 -13.29
N ARG D 54 -20.73 2.49 -10.01
CA ARG D 54 -20.75 1.61 -8.85
C ARG D 54 -20.23 0.20 -9.16
N THR D 55 -18.90 0.01 -8.96
CA THR D 55 -18.09 -1.18 -9.26
C THR D 55 -18.00 -1.46 -10.76
N PRO D 56 -16.97 -0.93 -11.45
CA PRO D 56 -16.81 -1.22 -12.87
C PRO D 56 -16.57 -2.70 -13.15
N HIS D 57 -17.01 -3.13 -14.31
CA HIS D 57 -17.24 -4.54 -14.56
C HIS D 57 -17.04 -4.86 -16.05
N LEU D 58 -16.25 -5.88 -16.33
CA LEU D 58 -15.89 -6.24 -17.70
C LEU D 58 -16.90 -7.25 -18.24
N GLN D 59 -17.50 -6.95 -19.40
CA GLN D 59 -18.53 -7.80 -20.01
C GLN D 59 -18.06 -8.28 -21.38
N GLY D 60 -17.81 -9.57 -21.50
CA GLY D 60 -17.11 -10.09 -22.67
C GLY D 60 -17.79 -11.29 -23.28
N PHE D 61 -17.71 -11.36 -24.61
CA PHE D 61 -18.07 -12.54 -25.39
C PHE D 61 -16.92 -12.82 -26.37
N ALA D 62 -16.58 -14.10 -26.52
CA ALA D 62 -15.49 -14.53 -27.39
C ALA D 62 -15.93 -15.71 -28.26
N ASN D 63 -15.80 -15.54 -29.59
CA ASN D 63 -15.95 -16.60 -30.61
C ASN D 63 -14.55 -17.00 -31.08
N PHE D 64 -13.94 -18.00 -30.44
CA PHE D 64 -12.61 -18.47 -30.85
C PHE D 64 -12.68 -19.16 -32.22
N VAL D 65 -11.58 -19.10 -32.99
CA VAL D 65 -11.61 -19.78 -34.28
C VAL D 65 -11.58 -21.30 -34.07
N LYS D 66 -10.95 -21.76 -33.00
CA LYS D 66 -10.94 -23.16 -32.59
C LYS D 66 -11.56 -23.32 -31.20
N LYS D 67 -12.23 -24.45 -30.98
CA LYS D 67 -12.76 -24.77 -29.66
C LYS D 67 -11.64 -24.81 -28.62
N GLN D 68 -11.88 -24.18 -27.47
CA GLN D 68 -10.88 -24.10 -26.42
C GLN D 68 -11.40 -24.73 -25.13
N THR D 69 -10.50 -25.40 -24.42
CA THR D 69 -10.73 -25.83 -23.05
C THR D 69 -11.04 -24.65 -22.13
N PHE D 70 -11.85 -24.93 -21.09
CA PHE D 70 -11.97 -24.05 -19.94
C PHE D 70 -10.60 -23.51 -19.52
N ASN D 71 -9.62 -24.40 -19.37
CA ASN D 71 -8.27 -23.98 -18.97
C ASN D 71 -7.63 -23.04 -19.98
N LYS D 72 -7.77 -23.34 -21.28
CA LYS D 72 -7.13 -22.48 -22.28
C LYS D 72 -7.75 -21.09 -22.27
N VAL D 73 -9.06 -21.01 -22.08
CA VAL D 73 -9.71 -19.71 -22.08
C VAL D 73 -9.32 -18.93 -20.84
N LYS D 74 -9.22 -19.61 -19.70
CA LYS D 74 -8.78 -18.94 -18.48
C LYS D 74 -7.33 -18.48 -18.56
N TRP D 75 -6.48 -19.23 -19.25
CA TRP D 75 -5.08 -18.84 -19.40
C TRP D 75 -4.93 -17.68 -20.39
N TYR D 76 -5.77 -17.60 -21.41
CA TYR D 76 -5.83 -16.43 -22.28
C TYR D 76 -6.31 -15.19 -21.52
N LEU D 77 -7.48 -15.29 -20.86
CA LEU D 77 -8.20 -14.14 -20.36
C LEU D 77 -7.78 -13.73 -18.97
N GLY D 78 -7.20 -14.63 -18.20
CA GLY D 78 -6.78 -14.37 -16.83
C GLY D 78 -7.61 -15.23 -15.90
N ALA D 79 -6.98 -15.67 -14.80
CA ALA D 79 -7.67 -16.57 -13.89
C ALA D 79 -8.91 -15.92 -13.27
N ARG D 80 -8.85 -14.61 -13.00
CA ARG D 80 -9.96 -13.96 -12.31
C ARG D 80 -11.19 -13.76 -13.16
N CYS D 81 -11.13 -14.03 -14.46
CA CYS D 81 -12.34 -13.92 -15.28
C CYS D 81 -13.28 -15.07 -14.93
N HIS D 82 -14.55 -14.74 -14.81
CA HIS D 82 -15.58 -15.76 -14.66
C HIS D 82 -16.04 -16.11 -16.08
N ILE D 83 -15.77 -17.33 -16.52
CA ILE D 83 -16.06 -17.75 -17.90
C ILE D 83 -17.08 -18.88 -17.88
N GLU D 84 -18.05 -18.82 -18.80
CA GLU D 84 -18.95 -19.93 -19.07
C GLU D 84 -19.16 -20.06 -20.58
N LYS D 85 -19.56 -21.26 -20.97
CA LYS D 85 -20.01 -21.52 -22.34
C LYS D 85 -21.14 -20.56 -22.69
N ALA D 86 -21.03 -19.92 -23.84
CA ALA D 86 -21.93 -18.83 -24.16
C ALA D 86 -23.34 -19.34 -24.42
N LYS D 87 -24.25 -18.39 -24.52
CA LYS D 87 -25.63 -18.63 -24.92
C LYS D 87 -25.99 -17.55 -25.92
N GLY D 88 -26.60 -17.94 -27.02
CA GLY D 88 -27.25 -17.00 -27.91
C GLY D 88 -26.42 -16.62 -29.12
N THR D 89 -27.06 -15.81 -29.97
CA THR D 89 -26.44 -15.41 -31.23
C THR D 89 -25.35 -14.38 -30.98
N ASP D 90 -24.29 -14.46 -31.79
CA ASP D 90 -23.21 -13.48 -31.74
C ASP D 90 -23.77 -12.06 -31.68
N GLN D 91 -24.86 -11.82 -32.41
CA GLN D 91 -25.44 -10.48 -32.42
C GLN D 91 -26.10 -10.14 -31.08
N GLN D 92 -26.64 -11.14 -30.38
CA GLN D 92 -27.18 -10.90 -29.05
C GLN D 92 -26.08 -10.43 -28.10
N ASN D 93 -25.08 -11.30 -27.88
CA ASN D 93 -23.95 -10.96 -27.03
C ASN D 93 -23.24 -9.70 -27.50
N LYS D 94 -23.31 -9.40 -28.79
CA LYS D 94 -22.71 -8.14 -29.24
C LYS D 94 -23.40 -6.94 -28.62
N GLU D 95 -24.73 -6.97 -28.55
CA GLU D 95 -25.50 -5.80 -28.08
C GLU D 95 -25.53 -5.72 -26.56
N TYR D 96 -25.49 -6.87 -25.87
CA TYR D 96 -25.35 -6.88 -24.42
C TYR D 96 -24.03 -6.27 -23.96
N CYS D 97 -22.92 -6.64 -24.62
CA CYS D 97 -21.60 -6.16 -24.26
C CYS D 97 -21.32 -4.74 -24.75
N SER D 98 -22.16 -4.20 -25.65
CA SER D 98 -22.01 -2.80 -26.07
C SER D 98 -22.93 -1.84 -25.34
N LYS D 99 -24.00 -2.33 -24.71
CA LYS D 99 -24.98 -1.57 -23.91
C LYS D 99 -24.54 -0.20 -23.43
N GLU D 100 -23.39 -0.12 -22.74
CA GLU D 100 -22.94 1.10 -22.09
C GLU D 100 -21.96 1.91 -22.92
N GLY D 101 -21.49 1.39 -24.05
CA GLY D 101 -20.82 2.22 -25.05
C GLY D 101 -19.42 2.66 -24.69
N ASN D 102 -18.75 1.91 -23.82
CA ASN D 102 -17.37 2.16 -23.42
C ASN D 102 -16.53 0.93 -23.80
N LEU D 103 -16.41 0.68 -25.09
CA LEU D 103 -15.86 -0.60 -25.53
C LEU D 103 -14.36 -0.64 -25.27
N LEU D 104 -13.91 -1.74 -24.68
CA LEU D 104 -12.48 -1.99 -24.53
C LEU D 104 -11.90 -2.73 -25.73
N ILE D 105 -12.63 -3.70 -26.26
CA ILE D 105 -12.14 -4.49 -27.36
C ILE D 105 -13.32 -4.89 -28.23
N GLU D 106 -13.15 -4.74 -29.54
CA GLU D 106 -13.98 -5.44 -30.50
C GLU D 106 -13.16 -5.84 -31.71
N CYS D 107 -13.28 -7.10 -32.08
CA CYS D 107 -12.35 -7.71 -33.02
C CYS D 107 -13.11 -8.71 -33.87
N GLY D 108 -12.97 -8.60 -35.19
CA GLY D 108 -13.59 -9.58 -36.07
C GLY D 108 -14.95 -9.14 -36.59
N ALA D 109 -15.92 -10.07 -36.60
CA ALA D 109 -17.27 -9.77 -37.06
C ALA D 109 -18.24 -10.87 -36.62
N PRO D 110 -19.40 -10.53 -36.05
CA PRO D 110 -20.29 -11.58 -35.50
C PRO D 110 -20.74 -12.56 -36.55
N ARG D 111 -20.77 -13.84 -36.18
CA ARG D 111 -21.09 -14.97 -37.06
C ARG D 111 -22.41 -15.61 -36.63
N SER D 112 -22.80 -16.67 -37.35
CA SER D 112 -24.12 -17.27 -37.15
C SER D 112 -24.17 -18.16 -35.89
N PRO E 13 -19.11 35.58 11.44
CA PRO E 13 -18.87 34.15 11.17
C PRO E 13 -17.39 33.79 11.27
N HIS E 14 -17.09 32.62 11.81
CA HIS E 14 -15.75 32.06 11.74
C HIS E 14 -15.84 30.54 11.52
N LYS E 15 -14.70 29.94 11.23
CA LYS E 15 -14.56 28.51 11.10
C LYS E 15 -14.01 27.86 12.36
N ARG E 16 -13.15 28.56 13.09
CA ARG E 16 -12.43 28.01 14.24
C ARG E 16 -12.94 28.60 15.54
N TRP E 17 -13.35 27.74 16.47
CA TRP E 17 -13.92 28.14 17.75
C TRP E 17 -13.27 27.36 18.86
N VAL E 18 -13.42 27.87 20.08
CA VAL E 18 -13.02 27.21 21.31
C VAL E 18 -14.18 27.30 22.30
N PHE E 19 -14.31 26.31 23.17
CA PHE E 19 -15.44 26.29 24.09
C PHE E 19 -15.12 25.52 25.36
N THR E 20 -15.83 25.89 26.42
CA THR E 20 -15.82 25.16 27.68
C THR E 20 -17.25 24.83 28.08
N LEU E 21 -17.41 23.74 28.82
CA LEU E 21 -18.65 23.49 29.53
C LEU E 21 -18.30 23.08 30.96
N ASN E 22 -18.73 23.90 31.92
CA ASN E 22 -18.48 23.64 33.34
C ASN E 22 -19.41 22.53 33.79
N ASN E 23 -18.86 21.47 34.41
CA ASN E 23 -19.70 20.42 35.00
C ASN E 23 -20.80 20.03 34.02
N PRO E 24 -20.51 19.17 33.03
CA PRO E 24 -21.44 19.06 31.88
C PRO E 24 -22.32 17.79 32.02
N SER E 25 -23.64 17.97 31.82
CA SER E 25 -24.57 16.81 31.86
C SER E 25 -24.15 15.58 31.03
N GLU E 26 -24.61 14.38 31.44
CA GLU E 26 -24.51 13.20 30.57
C GLU E 26 -25.28 13.43 29.27
N ASP E 27 -26.49 13.96 29.36
CA ASP E 27 -27.19 14.38 28.15
C ASP E 27 -26.49 15.51 27.41
N GLU E 28 -25.65 16.28 28.08
CA GLU E 28 -24.89 17.33 27.38
C GLU E 28 -23.65 16.73 26.71
N ARG E 29 -23.04 15.74 27.35
CA ARG E 29 -21.88 15.09 26.73
C ARG E 29 -22.32 14.25 25.51
N LYS E 30 -23.45 13.53 25.58
CA LYS E 30 -23.86 12.79 24.39
C LYS E 30 -24.43 13.67 23.28
N LYS E 31 -24.95 14.84 23.61
CA LYS E 31 -25.31 15.78 22.56
C LYS E 31 -24.08 16.24 21.76
N ILE E 32 -22.96 16.46 22.45
CA ILE E 32 -21.75 16.87 21.76
C ILE E 32 -21.17 15.68 20.99
N ARG E 33 -21.19 14.49 21.58
CA ARG E 33 -20.63 13.31 20.93
C ARG E 33 -21.46 12.84 19.75
N ASP E 34 -22.78 13.03 19.78
CA ASP E 34 -23.71 12.74 18.70
C ASP E 34 -23.50 13.59 17.46
N LEU E 35 -22.58 14.54 17.42
CA LEU E 35 -22.54 15.45 16.28
C LEU E 35 -21.98 14.72 15.05
N PRO E 36 -22.36 15.16 13.84
CA PRO E 36 -21.82 14.57 12.60
C PRO E 36 -20.30 14.74 12.45
N ILE E 37 -19.66 13.67 11.95
CA ILE E 37 -18.25 13.73 11.58
C ILE E 37 -17.99 14.80 10.51
N SER E 38 -18.97 15.00 9.62
CA SER E 38 -18.89 15.84 8.43
C SER E 38 -19.09 17.33 8.72
N LEU E 39 -19.24 17.72 9.98
CA LEU E 39 -19.33 19.12 10.32
C LEU E 39 -17.98 19.77 10.51
N PHE E 40 -16.95 18.97 10.78
CA PHE E 40 -15.67 19.46 11.25
C PHE E 40 -14.56 19.05 10.30
N ASP E 41 -13.56 19.91 10.17
CA ASP E 41 -12.27 19.46 9.70
C ASP E 41 -11.37 19.03 10.86
N TYR E 42 -11.47 19.71 12.01
CA TYR E 42 -10.89 19.19 13.25
C TYR E 42 -11.83 19.49 14.41
N PHE E 43 -11.79 18.61 15.41
CA PHE E 43 -12.70 18.66 16.54
C PHE E 43 -12.04 17.88 17.66
N ILE E 44 -11.87 18.51 18.83
CA ILE E 44 -11.29 17.85 19.99
C ILE E 44 -11.92 18.45 21.23
N VAL E 45 -12.29 17.59 22.18
CA VAL E 45 -12.79 18.08 23.46
C VAL E 45 -12.41 17.07 24.53
N GLY E 46 -11.54 17.50 25.45
CA GLY E 46 -11.07 16.62 26.50
C GLY E 46 -11.74 16.95 27.81
N GLU E 47 -11.67 16.05 28.77
CA GLU E 47 -12.27 16.28 30.08
C GLU E 47 -11.17 16.55 31.10
N GLU E 48 -11.37 17.60 31.92
CA GLU E 48 -10.40 18.08 32.91
C GLU E 48 -11.07 18.15 34.28
N GLY E 49 -10.46 17.52 35.29
CA GLY E 49 -10.99 17.57 36.65
C GLY E 49 -11.49 16.26 37.21
N ARG E 54 -12.88 17.04 42.00
CA ARG E 54 -12.93 18.48 42.24
C ARG E 54 -13.25 19.26 40.96
N THR E 55 -14.56 19.53 40.75
CA THR E 55 -15.24 20.26 39.67
C THR E 55 -14.73 19.90 38.27
N PRO E 56 -15.24 18.83 37.65
CA PRO E 56 -14.78 18.45 36.31
C PRO E 56 -15.30 19.38 35.21
N HIS E 57 -14.61 19.35 34.07
CA HIS E 57 -14.71 20.43 33.09
C HIS E 57 -14.38 19.93 31.67
N LEU E 58 -15.11 20.45 30.68
CA LEU E 58 -14.96 20.06 29.27
C LEU E 58 -14.29 21.16 28.47
N GLN E 59 -13.09 20.88 27.94
CA GLN E 59 -12.31 21.82 27.14
C GLN E 59 -12.24 21.32 25.70
N GLY E 60 -12.67 22.15 24.75
CA GLY E 60 -12.82 21.75 23.37
C GLY E 60 -12.24 22.73 22.37
N PHE E 61 -12.35 22.34 21.10
CA PHE E 61 -11.90 23.14 19.95
C PHE E 61 -12.58 22.60 18.70
N ALA E 62 -13.28 23.45 17.96
CA ALA E 62 -14.07 23.05 16.80
C ALA E 62 -13.64 23.85 15.58
N ASN E 63 -13.09 23.17 14.57
CA ASN E 63 -12.67 23.78 13.30
C ASN E 63 -13.58 23.24 12.19
N PHE E 64 -14.74 23.90 12.04
CA PHE E 64 -15.80 23.42 11.17
C PHE E 64 -15.35 23.39 9.70
N VAL E 65 -16.21 22.85 8.84
CA VAL E 65 -15.96 22.89 7.39
C VAL E 65 -16.53 24.16 6.80
N LYS E 66 -17.73 24.52 7.23
CA LYS E 66 -18.43 25.74 6.83
C LYS E 66 -18.13 26.83 7.87
N LYS E 67 -18.21 28.08 7.43
CA LYS E 67 -18.16 29.18 8.38
C LYS E 67 -19.44 29.18 9.21
N GLN E 68 -19.31 29.23 10.52
CA GLN E 68 -20.47 29.29 11.40
C GLN E 68 -20.32 30.47 12.35
N THR E 69 -21.44 31.00 12.83
CA THR E 69 -21.39 31.98 13.89
C THR E 69 -22.26 31.57 15.06
N PHE E 70 -21.88 32.12 16.23
CA PHE E 70 -22.43 31.91 17.57
C PHE E 70 -23.69 31.06 17.65
N ASN E 71 -24.79 31.58 17.10
CA ASN E 71 -26.07 30.91 17.26
C ASN E 71 -26.12 29.56 16.54
N LYS E 72 -25.31 29.38 15.50
CA LYS E 72 -25.17 28.06 14.90
C LYS E 72 -24.38 27.14 15.83
N VAL E 73 -23.21 27.58 16.29
CA VAL E 73 -22.40 26.75 17.18
C VAL E 73 -23.18 26.36 18.43
N LYS E 74 -23.86 27.32 19.07
CA LYS E 74 -24.55 27.02 20.32
C LYS E 74 -25.79 26.14 20.11
N TRP E 75 -26.31 26.05 18.88
CA TRP E 75 -27.30 25.03 18.60
C TRP E 75 -26.68 23.64 18.54
N TYR E 76 -25.38 23.56 18.15
CA TYR E 76 -24.67 22.29 17.98
C TYR E 76 -24.10 21.80 19.31
N LEU E 77 -23.25 22.61 19.93
CA LEU E 77 -22.50 22.17 21.10
C LEU E 77 -23.35 22.17 22.37
N GLY E 78 -24.18 23.21 22.57
CA GLY E 78 -25.00 23.29 23.76
C GLY E 78 -25.02 24.66 24.42
N ALA E 79 -26.23 25.11 24.81
CA ALA E 79 -26.47 26.50 25.19
C ALA E 79 -25.52 26.97 26.28
N ARG E 80 -25.44 26.26 27.37
CA ARG E 80 -24.64 26.80 28.46
C ARG E 80 -23.13 26.67 28.22
N CYS E 81 -22.69 26.18 27.06
CA CYS E 81 -21.28 26.20 26.69
C CYS E 81 -20.77 27.64 26.73
N HIS E 82 -19.46 27.84 26.89
CA HIS E 82 -18.85 29.17 26.76
C HIS E 82 -17.96 29.19 25.52
N ILE E 83 -18.49 29.74 24.43
CA ILE E 83 -17.79 29.67 23.15
C ILE E 83 -17.23 31.05 22.80
N GLU E 84 -16.29 31.05 21.85
CA GLU E 84 -15.67 32.23 21.25
C GLU E 84 -14.74 31.74 20.14
N LYS E 85 -14.39 32.65 19.22
CA LYS E 85 -13.48 32.33 18.13
C LYS E 85 -12.10 31.97 18.67
N ALA E 86 -11.46 30.98 18.04
CA ALA E 86 -10.22 30.41 18.53
C ALA E 86 -9.01 31.24 18.09
N LYS E 87 -7.88 31.02 18.77
CA LYS E 87 -6.63 31.64 18.38
C LYS E 87 -5.47 30.73 18.77
N GLY E 88 -4.52 30.59 17.85
CA GLY E 88 -3.45 29.63 17.96
C GLY E 88 -3.53 28.58 16.86
N THR E 89 -2.42 27.86 16.71
CA THR E 89 -2.37 26.76 15.75
C THR E 89 -3.38 25.67 16.14
N ASP E 90 -3.82 24.90 15.14
CA ASP E 90 -4.69 23.78 15.45
C ASP E 90 -3.99 22.75 16.34
N GLN E 91 -2.70 22.49 16.08
CA GLN E 91 -1.96 21.61 16.97
C GLN E 91 -1.62 22.30 18.29
N GLN E 92 -1.76 23.63 18.35
CA GLN E 92 -1.68 24.33 19.64
C GLN E 92 -2.94 24.10 20.47
N ASN E 93 -4.11 24.34 19.88
CA ASN E 93 -5.36 24.08 20.59
C ASN E 93 -5.52 22.59 20.90
N LYS E 94 -4.91 21.72 20.09
CA LYS E 94 -4.91 20.30 20.40
C LYS E 94 -4.13 20.02 21.68
N GLU E 95 -2.95 20.63 21.82
CA GLU E 95 -2.16 20.48 23.03
C GLU E 95 -2.88 21.11 24.23
N TYR E 96 -3.59 22.21 24.00
CA TYR E 96 -4.35 22.85 25.07
C TYR E 96 -5.47 21.94 25.55
N CYS E 97 -6.24 21.37 24.62
CA CYS E 97 -7.40 20.57 24.99
C CYS E 97 -7.03 19.20 25.55
N SER E 98 -5.82 18.70 25.28
CA SER E 98 -5.39 17.42 25.82
C SER E 98 -4.31 17.54 26.89
N LYS E 99 -4.12 18.74 27.47
CA LYS E 99 -3.13 18.88 28.54
C LYS E 99 -3.38 17.86 29.64
N GLU E 100 -4.60 17.83 30.20
CA GLU E 100 -4.94 16.90 31.27
C GLU E 100 -4.97 15.45 30.77
N GLY E 101 -5.07 15.22 29.47
CA GLY E 101 -4.91 13.88 28.93
C GLY E 101 -6.08 12.93 29.07
N ASN E 102 -7.31 13.43 29.12
CA ASN E 102 -8.52 12.59 29.12
C ASN E 102 -9.40 13.07 27.99
N LEU E 103 -9.27 12.43 26.82
CA LEU E 103 -9.94 12.91 25.63
C LEU E 103 -11.30 12.24 25.48
N LEU E 104 -12.30 13.06 25.14
CA LEU E 104 -13.68 12.63 24.95
C LEU E 104 -14.06 12.50 23.48
N ILE E 105 -13.48 13.34 22.62
CA ILE E 105 -13.84 13.45 21.22
C ILE E 105 -12.63 13.98 20.48
N GLU E 106 -12.07 13.20 19.57
CA GLU E 106 -11.15 13.72 18.55
C GLU E 106 -11.62 13.17 17.21
N CYS E 107 -11.73 14.06 16.23
CA CYS E 107 -12.39 13.73 14.96
C CYS E 107 -11.87 14.66 13.89
N GLY E 108 -11.37 14.09 12.79
CA GLY E 108 -10.72 14.86 11.74
C GLY E 108 -9.21 14.97 11.90
N ALA E 109 -8.63 16.10 11.46
CA ALA E 109 -7.18 16.31 11.52
C ALA E 109 -6.85 17.79 11.72
N PRO E 110 -5.81 18.11 12.50
CA PRO E 110 -5.48 19.53 12.73
C PRO E 110 -4.91 20.16 11.47
N ARG E 111 -5.60 21.20 10.97
CA ARG E 111 -5.36 21.74 9.65
C ARG E 111 -4.27 22.81 9.67
N SER E 112 -4.00 23.37 8.46
CA SER E 112 -2.94 24.37 8.18
C SER E 112 -2.36 25.11 9.38
#